data_6SQU
#
_entry.id   6SQU
#
_cell.length_a   44.410
_cell.length_b   60.190
_cell.length_c   113.960
_cell.angle_alpha   90.000
_cell.angle_beta   92.750
_cell.angle_gamma   90.000
#
_symmetry.space_group_name_H-M   'P 1 21 1'
#
loop_
_entity.id
_entity.type
_entity.pdbx_description
1 polymer 'Phosphatidylinositol 3,4,5-trisphosphate 5-phosphatase 2'
2 non-polymer "5,5'-(ethane-1,2-diylbis(oxy))bis(benzene-5,4,2,1,-tetrayl)hexakisphosphate"
3 water water
#
_entity_poly.entity_id   1
_entity_poly.type   'polypeptide(L)'
_entity_poly.pdbx_seq_one_letter_code
;SMDEPDMISVFIGTWNMGSVPPPKNVTSWFTSKGLGKTLDEVTVTIPHDIYVFGTQENSVGDREWLDLLRGGLKELTDLD
YRPIAMQSLWNIKVAVLVKPEHENRISHVSTSSVKTGIANTLGNKGAVGVSFMFNGTSFGFVNCHLTSGNEKTARRNQNY
LDILRLLSLGDRQLNAFDISLRFTHLFWFGDLNYRLDMDIQEILNYISRKEFEPLLRVDQLNLEREKHKVFLRFSEEEIS
FPPTYRYERGSRDTYAWHKQKPTGVRTNVPSWCDRILWKSYPETHIICNSYGCTDDIVTSDHSPVFGTFEVGVTSQ
;
_entity_poly.pdbx_strand_id   A,B
#
# COMPACT_ATOMS: atom_id res chain seq x y z
N MET A 7 -9.16 -17.54 -31.30
CA MET A 7 -9.76 -16.63 -30.31
C MET A 7 -11.19 -17.05 -29.95
N ILE A 8 -11.50 -17.06 -28.66
CA ILE A 8 -12.83 -17.37 -28.16
C ILE A 8 -13.16 -16.42 -27.02
N SER A 9 -14.45 -16.29 -26.74
CA SER A 9 -14.96 -15.41 -25.69
C SER A 9 -15.41 -16.26 -24.51
N VAL A 10 -14.78 -16.06 -23.36
CA VAL A 10 -15.06 -16.82 -22.15
C VAL A 10 -15.63 -15.84 -21.12
N PHE A 11 -16.94 -15.85 -20.95
CA PHE A 11 -17.59 -15.04 -19.93
C PHE A 11 -17.46 -15.71 -18.57
N ILE A 12 -17.15 -14.91 -17.55
CA ILE A 12 -17.05 -15.39 -16.18
C ILE A 12 -17.90 -14.51 -15.28
N GLY A 13 -18.78 -15.14 -14.52
CA GLY A 13 -19.62 -14.42 -13.57
C GLY A 13 -19.59 -15.02 -12.19
N THR A 14 -19.44 -14.17 -11.18
CA THR A 14 -19.47 -14.60 -9.79
C THR A 14 -20.49 -13.75 -9.04
N TRP A 15 -21.34 -14.40 -8.26
CA TRP A 15 -22.41 -13.69 -7.57
C TRP A 15 -22.74 -14.40 -6.27
N ASN A 16 -22.58 -13.69 -5.16
CA ASN A 16 -23.03 -14.16 -3.86
C ASN A 16 -24.48 -13.73 -3.72
N MET A 17 -25.40 -14.69 -3.85
CA MET A 17 -26.83 -14.40 -3.97
C MET A 17 -27.51 -14.21 -2.62
N GLY A 18 -26.75 -14.01 -1.55
CA GLY A 18 -27.30 -13.76 -0.23
C GLY A 18 -28.39 -14.72 0.22
N SER A 19 -28.24 -16.00 -0.11
CA SER A 19 -29.17 -17.05 0.30
C SER A 19 -30.61 -16.76 -0.15
N VAL A 20 -30.79 -15.95 -1.19
CA VAL A 20 -32.12 -15.62 -1.69
C VAL A 20 -32.17 -15.92 -3.18
N PRO A 21 -33.31 -16.35 -3.71
CA PRO A 21 -33.40 -16.66 -5.14
C PRO A 21 -33.13 -15.42 -5.98
N PRO A 22 -32.77 -15.59 -7.25
CA PRO A 22 -32.45 -14.44 -8.08
C PRO A 22 -33.71 -13.89 -8.74
N PRO A 23 -33.65 -12.67 -9.27
CA PRO A 23 -34.75 -12.20 -10.11
C PRO A 23 -34.79 -12.98 -11.42
N LYS A 24 -35.99 -13.07 -11.99
CA LYS A 24 -36.16 -13.90 -13.18
C LYS A 24 -35.32 -13.42 -14.36
N ASN A 25 -34.88 -12.16 -14.36
CA ASN A 25 -34.10 -11.61 -15.45
C ASN A 25 -32.78 -11.06 -14.90
N VAL A 26 -31.68 -11.66 -15.32
CA VAL A 26 -30.35 -11.22 -14.92
C VAL A 26 -29.48 -11.02 -16.16
N THR A 27 -30.07 -10.45 -17.21
CA THR A 27 -29.35 -10.29 -18.47
C THR A 27 -28.19 -9.32 -18.33
N SER A 28 -28.36 -8.26 -17.53
CA SER A 28 -27.25 -7.33 -17.31
C SER A 28 -26.02 -8.06 -16.78
N TRP A 29 -26.21 -9.17 -16.06
CA TRP A 29 -25.08 -10.00 -15.67
C TRP A 29 -24.45 -10.68 -16.88
N PHE A 30 -25.27 -11.31 -17.72
CA PHE A 30 -24.75 -12.02 -18.88
C PHE A 30 -24.01 -11.08 -19.83
N THR A 31 -24.50 -9.85 -19.98
CA THR A 31 -24.03 -8.93 -21.00
C THR A 31 -22.99 -7.95 -20.49
N SER A 32 -22.54 -8.09 -19.24
CA SER A 32 -21.50 -7.23 -18.67
C SER A 32 -21.92 -5.76 -18.69
N LYS A 33 -23.17 -5.50 -18.32
CA LYS A 33 -23.69 -4.14 -18.27
C LYS A 33 -23.74 -3.64 -16.83
N GLY A 34 -23.30 -2.41 -16.63
CA GLY A 34 -23.35 -1.79 -15.31
C GLY A 34 -22.19 -0.86 -15.04
N LEU A 35 -21.41 -1.16 -14.01
CA LEU A 35 -20.35 -0.29 -13.54
C LEU A 35 -18.99 -0.95 -13.75
N GLY A 36 -17.98 -0.11 -13.97
CA GLY A 36 -16.63 -0.60 -14.20
C GLY A 36 -16.29 -0.65 -15.68
N LYS A 37 -15.49 -1.64 -16.07
CA LYS A 37 -15.14 -1.86 -17.47
C LYS A 37 -16.24 -2.70 -18.12
N THR A 38 -17.32 -2.03 -18.49
CA THR A 38 -18.47 -2.70 -19.06
C THR A 38 -18.24 -2.97 -20.55
N LEU A 39 -19.05 -3.89 -21.09
CA LEU A 39 -18.92 -4.26 -22.50
C LEU A 39 -19.54 -3.20 -23.39
N ASP A 40 -18.83 -2.88 -24.47
CA ASP A 40 -19.26 -1.82 -25.37
C ASP A 40 -20.59 -2.15 -26.03
N GLU A 41 -21.21 -1.11 -26.59
CA GLU A 41 -22.53 -1.22 -27.21
C GLU A 41 -22.57 -2.20 -28.38
N VAL A 42 -21.42 -2.64 -28.87
CA VAL A 42 -21.34 -3.50 -30.05
C VAL A 42 -21.00 -4.93 -29.69
N THR A 43 -19.94 -5.13 -28.89
CA THR A 43 -19.51 -6.49 -28.57
C THR A 43 -20.53 -7.23 -27.72
N VAL A 44 -21.41 -6.53 -27.01
CA VAL A 44 -22.42 -7.19 -26.19
C VAL A 44 -23.31 -8.09 -27.04
N THR A 45 -23.52 -7.71 -28.30
CA THR A 45 -24.34 -8.51 -29.21
C THR A 45 -23.63 -9.75 -29.72
N ILE A 46 -22.35 -9.93 -29.38
CA ILE A 46 -21.59 -11.11 -29.78
C ILE A 46 -21.72 -12.17 -28.70
N PRO A 47 -22.61 -13.15 -28.84
CA PRO A 47 -22.74 -14.18 -27.81
C PRO A 47 -21.40 -14.88 -27.57
N HIS A 48 -21.01 -14.93 -26.30
CA HIS A 48 -19.73 -15.51 -25.93
C HIS A 48 -19.73 -17.02 -26.13
N ASP A 49 -18.54 -17.58 -26.29
CA ASP A 49 -18.41 -19.01 -26.59
C ASP A 49 -18.61 -19.88 -25.35
N ILE A 50 -18.07 -19.46 -24.21
CA ILE A 50 -18.19 -20.20 -22.96
C ILE A 50 -18.74 -19.26 -21.90
N TYR A 51 -19.74 -19.73 -21.16
CA TYR A 51 -20.29 -19.01 -20.02
C TYR A 51 -20.02 -19.81 -18.76
N VAL A 52 -19.30 -19.21 -17.82
CA VAL A 52 -19.04 -19.81 -16.52
C VAL A 52 -19.80 -19.01 -15.46
N PHE A 53 -20.61 -19.69 -14.67
CA PHE A 53 -21.44 -19.05 -13.65
C PHE A 53 -21.04 -19.59 -12.28
N GLY A 54 -20.43 -18.73 -11.46
CA GLY A 54 -20.08 -19.07 -10.10
C GLY A 54 -20.97 -18.30 -9.13
N THR A 55 -21.63 -19.05 -8.24
CA THR A 55 -22.50 -18.46 -7.24
C THR A 55 -22.15 -19.00 -5.87
N GLN A 56 -22.32 -18.15 -4.86
CA GLN A 56 -22.16 -18.51 -3.47
C GLN A 56 -23.44 -18.20 -2.72
N GLU A 57 -23.69 -18.91 -1.64
CA GLU A 57 -24.94 -18.80 -0.90
C GLU A 57 -26.12 -18.81 -1.87
N ASN A 58 -26.08 -19.77 -2.80
CA ASN A 58 -27.12 -19.92 -3.80
C ASN A 58 -28.19 -20.86 -3.25
N SER A 59 -29.38 -20.30 -3.00
CA SER A 59 -30.47 -21.07 -2.41
C SER A 59 -31.20 -21.95 -3.42
N VAL A 60 -30.91 -21.81 -4.71
CA VAL A 60 -31.64 -22.57 -5.72
C VAL A 60 -31.03 -23.96 -5.85
N GLY A 61 -31.87 -24.92 -6.27
CA GLY A 61 -31.39 -26.27 -6.45
C GLY A 61 -30.53 -26.43 -7.68
N ASP A 62 -29.62 -27.41 -7.63
CA ASP A 62 -28.72 -27.65 -8.75
C ASP A 62 -29.48 -27.82 -10.05
N ARG A 63 -30.48 -28.71 -10.05
CA ARG A 63 -31.23 -28.99 -11.26
C ARG A 63 -31.89 -27.72 -11.81
N GLU A 64 -32.62 -27.01 -10.96
CA GLU A 64 -33.39 -25.85 -11.42
C GLU A 64 -32.48 -24.66 -11.73
N TRP A 65 -31.46 -24.43 -10.90
CA TRP A 65 -30.56 -23.31 -11.16
C TRP A 65 -29.93 -23.40 -12.54
N LEU A 66 -29.46 -24.61 -12.92
CA LEU A 66 -28.90 -24.79 -14.25
C LEU A 66 -29.93 -24.43 -15.32
N ASP A 67 -31.19 -24.80 -15.12
CA ASP A 67 -32.22 -24.48 -16.10
C ASP A 67 -32.44 -22.98 -16.19
N LEU A 68 -32.48 -22.29 -15.06
CA LEU A 68 -32.56 -20.83 -15.09
C LEU A 68 -31.41 -20.24 -15.90
N LEU A 69 -30.21 -20.75 -15.71
CA LEU A 69 -29.05 -20.27 -16.48
C LEU A 69 -29.22 -20.60 -17.96
N ARG A 70 -29.35 -21.90 -18.29
CA ARG A 70 -29.48 -22.30 -19.67
C ARG A 70 -30.69 -21.64 -20.33
N GLY A 71 -31.77 -21.43 -19.58
CA GLY A 71 -32.92 -20.74 -20.15
C GLY A 71 -32.66 -19.28 -20.41
N GLY A 72 -32.07 -18.58 -19.43
CA GLY A 72 -31.75 -17.18 -19.63
C GLY A 72 -30.82 -16.94 -20.80
N LEU A 73 -29.89 -17.87 -21.04
CA LEU A 73 -28.98 -17.72 -22.18
C LEU A 73 -29.73 -17.82 -23.50
N LYS A 74 -30.70 -18.73 -23.60
CA LYS A 74 -31.45 -18.88 -24.84
C LYS A 74 -32.21 -17.60 -25.17
N GLU A 75 -32.87 -17.02 -24.17
CA GLU A 75 -33.63 -15.79 -24.39
C GLU A 75 -32.73 -14.69 -24.93
N LEU A 76 -31.51 -14.58 -24.41
CA LEU A 76 -30.59 -13.54 -24.83
C LEU A 76 -29.99 -13.83 -26.20
N THR A 77 -29.49 -15.06 -26.38
CA THR A 77 -28.72 -15.41 -27.58
C THR A 77 -29.54 -16.11 -28.65
N ASP A 78 -30.70 -16.65 -28.30
CA ASP A 78 -31.50 -17.48 -29.21
C ASP A 78 -30.84 -18.83 -29.48
N LEU A 79 -29.86 -19.21 -28.64
CA LEU A 79 -29.19 -20.49 -28.75
C LEU A 79 -29.49 -21.33 -27.51
N ASP A 80 -29.34 -22.64 -27.66
CA ASP A 80 -29.48 -23.57 -26.54
C ASP A 80 -28.07 -23.98 -26.11
N TYR A 81 -27.46 -23.13 -25.28
CA TYR A 81 -26.12 -23.39 -24.81
C TYR A 81 -26.04 -24.76 -24.13
N ARG A 82 -24.89 -25.42 -24.28
CA ARG A 82 -24.75 -26.79 -23.81
C ARG A 82 -23.98 -26.81 -22.51
N PRO A 83 -24.57 -27.30 -21.43
CA PRO A 83 -23.81 -27.46 -20.18
C PRO A 83 -22.65 -28.42 -20.37
N ILE A 84 -21.48 -28.04 -19.87
CA ILE A 84 -20.29 -28.87 -19.90
C ILE A 84 -20.04 -29.55 -18.57
N ALA A 85 -20.23 -28.82 -17.47
CA ALA A 85 -20.03 -29.37 -16.13
C ALA A 85 -20.75 -28.49 -15.14
N MET A 86 -21.06 -29.06 -13.98
CA MET A 86 -21.73 -28.33 -12.91
C MET A 86 -21.43 -29.03 -11.60
N GLN A 87 -20.59 -28.42 -10.77
CA GLN A 87 -20.27 -28.93 -9.45
C GLN A 87 -20.80 -27.98 -8.40
N SER A 88 -21.39 -28.54 -7.35
CA SER A 88 -21.94 -27.76 -6.25
C SER A 88 -21.48 -28.33 -4.92
N LEU A 89 -21.29 -27.45 -3.94
CA LEU A 89 -20.88 -27.82 -2.60
C LEU A 89 -21.75 -27.03 -1.62
N TRP A 90 -22.92 -27.56 -1.32
CA TRP A 90 -23.90 -26.87 -0.46
C TRP A 90 -24.40 -25.67 -1.26
N ASN A 91 -24.47 -24.47 -0.69
CA ASN A 91 -24.91 -23.26 -1.37
C ASN A 91 -23.86 -22.68 -2.32
N ILE A 92 -22.78 -23.41 -2.58
CA ILE A 92 -21.74 -22.98 -3.52
C ILE A 92 -21.90 -23.81 -4.78
N LYS A 93 -22.16 -23.13 -5.90
CA LYS A 93 -22.44 -23.81 -7.16
C LYS A 93 -21.71 -23.12 -8.30
N VAL A 94 -21.23 -23.92 -9.26
CA VAL A 94 -20.62 -23.42 -10.47
C VAL A 94 -21.17 -24.25 -11.64
N ALA A 95 -21.36 -23.58 -12.78
CA ALA A 95 -21.84 -24.25 -13.98
C ALA A 95 -21.08 -23.68 -15.18
N VAL A 96 -20.82 -24.53 -16.16
CA VAL A 96 -20.13 -24.12 -17.38
C VAL A 96 -20.99 -24.54 -18.57
N LEU A 97 -21.32 -23.58 -19.43
CA LEU A 97 -22.04 -23.84 -20.65
C LEU A 97 -21.19 -23.41 -21.85
N VAL A 98 -21.58 -23.87 -23.03
CA VAL A 98 -20.81 -23.63 -24.25
C VAL A 98 -21.76 -23.36 -25.39
N LYS A 99 -21.39 -22.43 -26.26
CA LYS A 99 -22.09 -22.23 -27.51
C LYS A 99 -22.26 -23.58 -28.20
N PRO A 100 -23.50 -23.95 -28.58
CA PRO A 100 -23.72 -25.33 -29.07
C PRO A 100 -22.84 -25.73 -30.23
N GLU A 101 -22.34 -24.77 -31.01
CA GLU A 101 -21.53 -25.09 -32.18
C GLU A 101 -20.09 -25.38 -31.80
N HIS A 102 -19.85 -25.86 -30.58
CA HIS A 102 -18.49 -26.16 -30.16
C HIS A 102 -18.40 -27.33 -29.17
N GLU A 103 -19.40 -28.20 -29.09
CA GLU A 103 -19.30 -29.35 -28.20
C GLU A 103 -18.17 -30.28 -28.63
N ASN A 104 -17.98 -30.46 -29.95
CA ASN A 104 -16.89 -31.28 -30.43
C ASN A 104 -15.54 -30.76 -29.98
N ARG A 105 -15.43 -29.46 -29.73
CA ARG A 105 -14.17 -28.88 -29.29
C ARG A 105 -13.85 -29.26 -27.85
N ILE A 106 -14.87 -29.49 -27.03
CA ILE A 106 -14.66 -29.80 -25.62
C ILE A 106 -14.17 -31.23 -25.47
N SER A 107 -13.35 -31.46 -24.44
CA SER A 107 -12.83 -32.79 -24.17
C SER A 107 -12.24 -32.81 -22.76
N HIS A 108 -12.31 -33.97 -22.13
CA HIS A 108 -11.71 -34.20 -20.82
C HIS A 108 -12.25 -33.22 -19.78
N VAL A 109 -13.58 -33.20 -19.66
CA VAL A 109 -14.22 -32.37 -18.65
C VAL A 109 -14.01 -32.98 -17.28
N SER A 110 -13.74 -32.12 -16.29
CA SER A 110 -13.43 -32.58 -14.94
C SER A 110 -13.93 -31.55 -13.93
N THR A 111 -14.65 -32.01 -12.92
CA THR A 111 -15.08 -31.19 -11.80
C THR A 111 -14.40 -31.65 -10.52
N SER A 112 -14.42 -30.77 -9.52
CA SER A 112 -13.79 -31.08 -8.23
C SER A 112 -14.35 -30.11 -7.19
N SER A 113 -13.98 -30.37 -5.93
CA SER A 113 -14.47 -29.55 -4.84
C SER A 113 -13.48 -29.62 -3.67
N VAL A 114 -13.57 -28.61 -2.81
CA VAL A 114 -12.80 -28.56 -1.57
C VAL A 114 -13.61 -27.75 -0.56
N LYS A 115 -13.66 -28.23 0.68
CA LYS A 115 -14.47 -27.62 1.72
C LYS A 115 -13.59 -27.19 2.90
N THR A 116 -13.86 -25.99 3.40
CA THR A 116 -13.18 -25.47 4.60
C THR A 116 -14.25 -24.77 5.45
N GLY A 117 -14.75 -25.49 6.45
CA GLY A 117 -15.78 -24.96 7.33
C GLY A 117 -17.11 -25.67 7.21
N ASN A 124 -21.83 -22.60 4.52
CA ASN A 124 -20.66 -23.36 4.08
C ASN A 124 -19.67 -22.46 3.36
N LYS A 125 -18.40 -22.83 3.41
CA LYS A 125 -17.33 -22.10 2.75
C LYS A 125 -16.34 -23.09 2.15
N GLY A 126 -16.06 -22.93 0.86
CA GLY A 126 -15.14 -23.82 0.17
C GLY A 126 -14.83 -23.40 -1.25
N ALA A 127 -14.76 -24.37 -2.16
CA ALA A 127 -14.46 -24.08 -3.56
C ALA A 127 -14.91 -25.25 -4.43
N VAL A 128 -15.58 -24.94 -5.53
CA VAL A 128 -15.95 -25.91 -6.55
C VAL A 128 -15.16 -25.60 -7.81
N GLY A 129 -14.71 -26.63 -8.49
CA GLY A 129 -13.84 -26.47 -9.64
C GLY A 129 -14.30 -27.25 -10.85
N VAL A 130 -13.93 -26.74 -12.01
CA VAL A 130 -14.24 -27.39 -13.29
C VAL A 130 -13.08 -27.12 -14.25
N SER A 131 -12.70 -28.14 -15.01
CA SER A 131 -11.65 -28.02 -15.99
C SER A 131 -12.00 -28.87 -17.21
N PHE A 132 -11.55 -28.43 -18.37
CA PHE A 132 -11.83 -29.14 -19.61
C PHE A 132 -10.84 -28.70 -20.68
N MET A 133 -10.89 -29.38 -21.82
CA MET A 133 -10.03 -29.11 -22.96
C MET A 133 -10.87 -28.52 -24.09
N PHE A 134 -10.38 -27.43 -24.68
CA PHE A 134 -10.98 -26.83 -25.86
C PHE A 134 -9.93 -26.88 -26.97
N ASN A 135 -10.12 -27.78 -27.93
CA ASN A 135 -9.10 -28.07 -28.94
C ASN A 135 -7.85 -28.50 -28.18
N GLY A 136 -6.69 -27.90 -28.40
CA GLY A 136 -5.49 -28.29 -27.69
C GLY A 136 -5.15 -27.37 -26.53
N THR A 137 -6.14 -26.62 -26.06
CA THR A 137 -5.95 -25.66 -24.97
C THR A 137 -6.80 -26.08 -23.78
N SER A 138 -6.18 -26.13 -22.60
CA SER A 138 -6.84 -26.58 -21.39
C SER A 138 -7.22 -25.39 -20.53
N PHE A 139 -8.38 -25.48 -19.87
CA PHE A 139 -8.91 -24.42 -19.03
C PHE A 139 -9.22 -24.96 -17.64
N GLY A 140 -9.19 -24.05 -16.67
CA GLY A 140 -9.57 -24.36 -15.31
C GLY A 140 -10.29 -23.20 -14.64
N PHE A 141 -11.39 -23.49 -13.95
CA PHE A 141 -12.19 -22.48 -13.29
C PHE A 141 -12.46 -22.92 -11.85
N VAL A 142 -12.22 -22.02 -10.90
CA VAL A 142 -12.40 -22.31 -9.48
C VAL A 142 -13.34 -21.26 -8.90
N ASN A 143 -14.47 -21.71 -8.36
CA ASN A 143 -15.44 -20.86 -7.70
C ASN A 143 -15.38 -21.13 -6.20
N CYS A 144 -14.98 -20.12 -5.43
CA CYS A 144 -14.75 -20.31 -3.99
C CYS A 144 -15.61 -19.36 -3.17
N HIS A 145 -15.57 -19.59 -1.86
CA HIS A 145 -16.27 -18.76 -0.88
C HIS A 145 -15.42 -18.83 0.40
N LEU A 146 -14.51 -17.86 0.54
CA LEU A 146 -13.50 -17.93 1.58
C LEU A 146 -14.02 -17.37 2.90
N THR A 147 -13.21 -17.52 3.94
CA THR A 147 -13.57 -17.04 5.27
C THR A 147 -13.87 -15.54 5.24
N SER A 148 -15.00 -15.16 5.82
CA SER A 148 -15.39 -13.76 5.88
C SER A 148 -14.73 -13.09 7.08
N GLY A 149 -15.09 -11.84 7.34
CA GLY A 149 -14.54 -11.12 8.47
C GLY A 149 -13.43 -10.17 8.08
N ASN A 150 -13.43 -8.98 8.68
CA ASN A 150 -12.42 -7.98 8.32
C ASN A 150 -11.02 -8.43 8.71
N GLU A 151 -10.88 -9.19 9.79
CA GLU A 151 -9.59 -9.51 10.37
C GLU A 151 -9.22 -10.98 10.23
N LYS A 152 -9.71 -11.65 9.19
CA LYS A 152 -9.39 -13.05 8.93
C LYS A 152 -8.65 -13.19 7.61
N THR A 153 -7.78 -12.23 7.30
CA THR A 153 -7.03 -12.26 6.05
C THR A 153 -6.12 -13.49 5.98
N ALA A 154 -5.42 -13.79 7.07
CA ALA A 154 -4.58 -14.98 7.10
C ALA A 154 -5.40 -16.24 6.86
N ARG A 155 -6.64 -16.29 7.36
CA ARG A 155 -7.51 -17.43 7.11
C ARG A 155 -7.82 -17.55 5.62
N ARG A 156 -8.24 -16.45 4.99
CA ARG A 156 -8.51 -16.48 3.56
C ARG A 156 -7.30 -16.94 2.78
N ASN A 157 -6.12 -16.44 3.13
CA ASN A 157 -4.91 -16.87 2.44
C ASN A 157 -4.67 -18.35 2.63
N GLN A 158 -4.95 -18.88 3.82
CA GLN A 158 -4.79 -20.31 4.06
C GLN A 158 -5.89 -21.12 3.39
N ASN A 159 -7.11 -20.58 3.31
CA ASN A 159 -8.14 -21.23 2.51
C ASN A 159 -7.71 -21.36 1.07
N TYR A 160 -7.16 -20.29 0.51
CA TYR A 160 -6.64 -20.34 -0.85
C TYR A 160 -5.56 -21.41 -1.00
N LEU A 161 -4.72 -21.57 0.02
CA LEU A 161 -3.65 -22.56 -0.06
C LEU A 161 -4.20 -23.99 -0.06
N ASP A 162 -5.21 -24.26 0.77
CA ASP A 162 -5.83 -25.58 0.76
C ASP A 162 -6.45 -25.88 -0.59
N ILE A 163 -7.28 -24.96 -1.10
CA ILE A 163 -7.89 -25.15 -2.42
C ILE A 163 -6.81 -25.40 -3.47
N LEU A 164 -5.79 -24.55 -3.49
CA LEU A 164 -4.68 -24.74 -4.43
C LEU A 164 -4.02 -26.10 -4.27
N ARG A 165 -4.17 -26.75 -3.11
CA ARG A 165 -3.54 -28.03 -2.84
C ARG A 165 -4.51 -29.21 -2.93
N LEU A 166 -5.79 -29.01 -2.62
CA LEU A 166 -6.77 -30.09 -2.55
C LEU A 166 -7.58 -30.24 -3.83
N LEU A 167 -7.40 -29.37 -4.82
CA LEU A 167 -8.17 -29.48 -6.05
C LEU A 167 -7.54 -30.48 -7.01
N SER A 168 -8.39 -31.09 -7.83
CA SER A 168 -7.94 -32.05 -8.83
C SER A 168 -8.11 -31.48 -10.23
N PHE A 183 -2.74 -25.74 -16.10
CA PHE A 183 -3.65 -25.36 -17.18
C PHE A 183 -3.07 -24.24 -18.03
N THR A 184 -3.49 -24.17 -19.29
CA THR A 184 -3.08 -23.07 -20.14
C THR A 184 -3.66 -21.75 -19.65
N HIS A 185 -4.92 -21.76 -19.22
CA HIS A 185 -5.59 -20.57 -18.72
C HIS A 185 -6.37 -20.96 -17.47
N LEU A 186 -6.05 -20.33 -16.35
CA LEU A 186 -6.66 -20.63 -15.06
C LEU A 186 -7.40 -19.42 -14.54
N PHE A 187 -8.68 -19.60 -14.22
CA PHE A 187 -9.53 -18.52 -13.73
C PHE A 187 -9.99 -18.83 -12.32
N TRP A 188 -9.72 -17.91 -11.40
CA TRP A 188 -10.07 -18.05 -9.99
C TRP A 188 -10.99 -16.90 -9.61
N PHE A 189 -12.19 -17.24 -9.14
CA PHE A 189 -13.23 -16.24 -8.90
C PHE A 189 -14.07 -16.69 -7.71
N GLY A 190 -15.02 -15.84 -7.32
CA GLY A 190 -15.96 -16.13 -6.27
C GLY A 190 -15.96 -15.02 -5.23
N ASP A 191 -16.51 -15.34 -4.06
CA ASP A 191 -16.52 -14.41 -2.93
C ASP A 191 -15.23 -14.63 -2.14
N LEU A 192 -14.15 -14.01 -2.64
CA LEU A 192 -12.87 -14.12 -1.96
C LEU A 192 -12.94 -13.54 -0.55
N ASN A 193 -13.86 -12.61 -0.33
CA ASN A 193 -14.19 -12.07 0.99
C ASN A 193 -13.13 -11.15 1.56
N TYR A 194 -12.15 -10.74 0.76
CA TYR A 194 -11.16 -9.78 1.24
C TYR A 194 -11.79 -8.39 1.37
N ARG A 195 -11.42 -7.69 2.43
CA ARG A 195 -12.04 -6.42 2.82
C ARG A 195 -11.08 -5.26 2.66
N LEU A 196 -11.58 -4.06 2.91
CA LEU A 196 -10.79 -2.84 2.86
C LEU A 196 -10.21 -2.52 4.23
N ASP A 197 -8.96 -2.05 4.24
CA ASP A 197 -8.27 -1.67 5.47
C ASP A 197 -8.46 -0.18 5.75
N MET A 198 -9.72 0.23 5.89
CA MET A 198 -10.01 1.63 6.15
C MET A 198 -11.33 1.74 6.89
N ASP A 199 -11.46 2.79 7.70
CA ASP A 199 -12.67 3.00 8.46
C ASP A 199 -13.80 3.48 7.56
N ILE A 200 -15.03 3.39 8.07
CA ILE A 200 -16.21 3.66 7.26
C ILE A 200 -16.25 5.13 6.82
N GLN A 201 -15.76 6.05 7.65
CA GLN A 201 -15.83 7.46 7.29
C GLN A 201 -15.17 7.72 5.95
N GLU A 202 -13.91 7.29 5.81
CA GLU A 202 -13.18 7.60 4.58
C GLU A 202 -13.65 6.74 3.41
N ILE A 203 -14.07 5.50 3.68
CA ILE A 203 -14.56 4.65 2.60
C ILE A 203 -15.73 5.33 1.89
N LEU A 204 -16.74 5.75 2.65
CA LEU A 204 -17.89 6.40 2.02
C LEU A 204 -17.49 7.73 1.37
N ASN A 205 -16.55 8.45 1.99
CA ASN A 205 -16.08 9.69 1.39
C ASN A 205 -15.46 9.44 0.02
N TYR A 206 -14.60 8.43 -0.08
CA TYR A 206 -13.95 8.13 -1.35
C TYR A 206 -14.93 7.56 -2.36
N ILE A 207 -15.90 6.76 -1.91
CA ILE A 207 -16.89 6.21 -2.82
C ILE A 207 -17.74 7.32 -3.43
N SER A 208 -18.15 8.30 -2.60
CA SER A 208 -18.98 9.38 -3.11
C SER A 208 -18.27 10.18 -4.20
N ARG A 209 -16.94 10.27 -4.12
CA ARG A 209 -16.14 10.93 -5.14
C ARG A 209 -15.73 9.99 -6.26
N LYS A 210 -16.13 8.72 -6.19
CA LYS A 210 -15.69 7.72 -7.16
C LYS A 210 -14.17 7.66 -7.24
N GLU A 211 -13.50 7.88 -6.11
CA GLU A 211 -12.05 7.73 -6.01
C GLU A 211 -11.79 6.35 -5.40
N PHE A 212 -11.68 5.34 -6.27
CA PHE A 212 -11.50 3.99 -5.78
C PHE A 212 -10.03 3.62 -5.59
N GLU A 213 -9.11 4.33 -6.22
CA GLU A 213 -7.70 3.99 -6.08
C GLU A 213 -7.22 4.05 -4.64
N PRO A 214 -7.50 5.11 -3.88
CA PRO A 214 -7.08 5.11 -2.47
C PRO A 214 -7.67 3.95 -1.68
N LEU A 215 -8.84 3.45 -2.07
CA LEU A 215 -9.41 2.29 -1.40
C LEU A 215 -8.74 1.01 -1.88
N LEU A 216 -8.51 0.87 -3.18
CA LEU A 216 -7.86 -0.31 -3.71
C LEU A 216 -6.46 -0.49 -3.14
N ARG A 217 -5.75 0.61 -2.88
CA ARG A 217 -4.43 0.50 -2.26
C ARG A 217 -4.49 -0.19 -0.91
N VAL A 218 -5.66 -0.30 -0.30
CA VAL A 218 -5.81 -0.92 1.01
C VAL A 218 -6.78 -2.09 0.97
N ASP A 219 -7.12 -2.57 -0.22
CA ASP A 219 -7.86 -3.81 -0.32
C ASP A 219 -6.95 -4.97 0.07
N GLN A 220 -7.44 -5.86 0.92
CA GLN A 220 -6.59 -6.91 1.47
C GLN A 220 -6.07 -7.84 0.38
N LEU A 221 -6.88 -8.11 -0.65
CA LEU A 221 -6.44 -9.00 -1.72
C LEU A 221 -5.26 -8.40 -2.47
N ASN A 222 -5.36 -7.12 -2.87
CA ASN A 222 -4.20 -6.44 -3.43
C ASN A 222 -3.01 -6.52 -2.50
N LEU A 223 -3.24 -6.22 -1.21
CA LEU A 223 -2.14 -6.22 -0.25
C LEU A 223 -1.48 -7.60 -0.17
N GLU A 224 -2.30 -8.66 -0.10
CA GLU A 224 -1.75 -10.01 0.01
C GLU A 224 -1.06 -10.45 -1.27
N ARG A 225 -1.52 -9.97 -2.42
CA ARG A 225 -0.81 -10.23 -3.67
C ARG A 225 0.49 -9.44 -3.71
N GLU A 226 0.42 -8.14 -3.41
CA GLU A 226 1.63 -7.30 -3.43
C GLU A 226 2.66 -7.75 -2.43
N LYS A 227 2.25 -8.48 -1.39
CA LYS A 227 3.16 -9.07 -0.42
C LYS A 227 3.64 -10.45 -0.85
N HIS A 228 3.26 -10.90 -2.05
CA HIS A 228 3.66 -12.22 -2.57
C HIS A 228 3.23 -13.34 -1.62
N LYS A 229 2.05 -13.18 -1.03
CA LYS A 229 1.52 -14.17 -0.09
C LYS A 229 0.51 -15.11 -0.72
N VAL A 230 -0.21 -14.67 -1.75
CA VAL A 230 -1.25 -15.48 -2.38
C VAL A 230 -1.39 -15.04 -3.83
N PHE A 231 -2.07 -15.87 -4.62
CA PHE A 231 -2.33 -15.60 -6.04
C PHE A 231 -1.09 -15.04 -6.73
N LEU A 232 0.03 -15.73 -6.53
CA LEU A 232 1.28 -15.29 -7.14
C LEU A 232 1.19 -15.40 -8.65
N ARG A 233 1.61 -14.33 -9.34
CA ARG A 233 1.60 -14.31 -10.80
C ARG A 233 0.20 -14.35 -11.37
N PHE A 234 -0.80 -14.07 -10.55
CA PHE A 234 -2.18 -13.93 -10.99
C PHE A 234 -2.43 -12.49 -11.43
N SER A 235 -3.21 -12.34 -12.48
CA SER A 235 -3.60 -11.02 -12.97
C SER A 235 -5.05 -10.73 -12.57
N GLU A 236 -5.33 -9.45 -12.36
CA GLU A 236 -6.70 -8.99 -12.16
C GLU A 236 -6.88 -7.70 -12.93
N GLU A 237 -7.97 -7.60 -13.68
CA GLU A 237 -8.28 -6.38 -14.40
C GLU A 237 -8.42 -5.21 -13.43
N GLU A 238 -8.03 -4.03 -13.89
CA GLU A 238 -8.19 -2.81 -13.10
C GLU A 238 -9.63 -2.67 -12.64
N ILE A 239 -9.83 -2.52 -11.34
CA ILE A 239 -11.16 -2.41 -10.73
C ILE A 239 -11.58 -0.94 -10.78
N SER A 240 -12.62 -0.65 -11.56
CA SER A 240 -13.15 0.70 -11.69
C SER A 240 -14.63 0.75 -11.35
N PHE A 241 -15.10 -0.19 -10.53
CA PHE A 241 -16.46 -0.24 -10.06
C PHE A 241 -16.47 -0.20 -8.54
N PRO A 242 -17.57 0.25 -7.93
CA PRO A 242 -17.60 0.41 -6.47
C PRO A 242 -17.65 -0.94 -5.78
N PRO A 243 -17.24 -1.00 -4.51
CA PRO A 243 -17.36 -2.26 -3.76
C PRO A 243 -18.73 -2.91 -3.97
N THR A 244 -18.71 -4.22 -4.15
CA THR A 244 -19.90 -5.01 -4.42
C THR A 244 -20.61 -5.46 -3.15
N TYR A 245 -20.16 -5.00 -1.99
CA TYR A 245 -20.64 -5.46 -0.70
C TYR A 245 -20.31 -4.38 0.33
N ARG A 246 -21.19 -4.16 1.31
CA ARG A 246 -22.46 -4.86 1.44
C ARG A 246 -23.61 -3.89 1.15
N TYR A 247 -24.53 -4.28 0.28
CA TYR A 247 -25.64 -3.43 -0.12
C TYR A 247 -26.89 -3.76 0.68
N GLU A 248 -27.81 -2.81 0.71
CA GLU A 248 -29.15 -3.09 1.18
C GLU A 248 -29.95 -3.70 0.03
N ARG A 249 -30.60 -4.82 0.30
CA ARG A 249 -31.40 -5.48 -0.72
C ARG A 249 -32.52 -4.56 -1.18
N GLY A 250 -32.63 -4.37 -2.50
CA GLY A 250 -33.69 -3.58 -3.11
C GLY A 250 -33.17 -2.42 -3.94
N SER A 251 -31.96 -1.95 -3.66
CA SER A 251 -31.37 -0.84 -4.41
C SER A 251 -29.86 -1.00 -4.42
N ARG A 252 -29.19 -0.11 -5.17
CA ARG A 252 -27.75 -0.01 -5.15
C ARG A 252 -27.25 1.31 -4.57
N ASP A 253 -28.12 2.30 -4.40
CA ASP A 253 -27.71 3.61 -3.92
C ASP A 253 -27.44 3.65 -2.42
N THR A 254 -27.16 2.52 -1.78
CA THR A 254 -26.94 2.53 -0.33
C THR A 254 -26.26 1.25 0.11
N TYR A 255 -25.21 1.39 0.92
CA TYR A 255 -24.55 0.27 1.57
C TYR A 255 -25.13 0.04 2.95
N ALA A 256 -25.21 -1.23 3.34
CA ALA A 256 -25.59 -1.61 4.70
C ALA A 256 -24.30 -1.90 5.46
N TRP A 257 -23.73 -0.85 6.06
CA TRP A 257 -22.44 -0.92 6.72
C TRP A 257 -22.56 -1.00 8.24
N HIS A 258 -23.57 -1.71 8.74
CA HIS A 258 -23.75 -1.85 10.19
C HIS A 258 -24.87 -2.84 10.52
N ASN A 268 -20.06 -3.87 8.90
CA ASN A 268 -19.38 -4.39 7.72
C ASN A 268 -19.09 -3.28 6.72
N VAL A 269 -17.83 -2.84 6.67
CA VAL A 269 -17.48 -1.76 5.76
C VAL A 269 -17.61 -2.24 4.32
N PRO A 270 -18.01 -1.40 3.37
CA PRO A 270 -18.03 -1.82 1.97
C PRO A 270 -16.68 -2.40 1.58
N SER A 271 -16.72 -3.43 0.72
CA SER A 271 -15.51 -4.11 0.30
C SER A 271 -15.74 -4.76 -1.05
N TRP A 272 -14.64 -5.01 -1.76
CA TRP A 272 -14.66 -5.75 -3.02
C TRP A 272 -14.51 -7.24 -2.73
N CYS A 273 -15.58 -7.83 -2.19
CA CYS A 273 -15.55 -9.23 -1.80
C CYS A 273 -15.47 -10.15 -3.01
N ASP A 274 -16.06 -9.76 -4.13
CA ASP A 274 -16.29 -10.66 -5.26
C ASP A 274 -15.35 -10.30 -6.40
N ARG A 275 -14.44 -11.23 -6.75
CA ARG A 275 -13.32 -10.90 -7.61
C ARG A 275 -13.07 -12.00 -8.63
N ILE A 276 -12.34 -11.66 -9.68
CA ILE A 276 -11.99 -12.59 -10.75
C ILE A 276 -10.53 -12.36 -11.12
N LEU A 277 -9.72 -13.41 -11.01
CA LEU A 277 -8.31 -13.34 -11.36
C LEU A 277 -7.96 -14.49 -12.28
N TRP A 278 -6.94 -14.29 -13.12
CA TRP A 278 -6.54 -15.30 -14.08
C TRP A 278 -5.03 -15.43 -14.10
N LYS A 279 -4.56 -16.60 -14.51
CA LYS A 279 -3.14 -16.88 -14.71
C LYS A 279 -3.00 -17.66 -16.00
N SER A 280 -2.40 -17.03 -17.01
CA SER A 280 -2.28 -17.62 -18.33
C SER A 280 -0.87 -18.13 -18.57
N TYR A 281 -0.77 -19.29 -19.19
CA TYR A 281 0.53 -19.82 -19.60
C TYR A 281 1.27 -18.76 -20.43
N PRO A 282 2.57 -18.55 -20.18
CA PRO A 282 3.45 -17.59 -20.85
C PRO A 282 3.08 -17.33 -22.31
N ILE A 286 -4.05 -13.59 -23.17
CA ILE A 286 -5.38 -13.34 -22.65
C ILE A 286 -5.68 -11.84 -22.64
N ILE A 287 -6.86 -11.48 -23.14
CA ILE A 287 -7.35 -10.11 -23.10
C ILE A 287 -8.61 -10.07 -22.26
N CYS A 288 -8.79 -8.98 -21.52
CA CYS A 288 -9.95 -8.80 -20.64
C CYS A 288 -10.81 -7.69 -21.22
N ASN A 289 -11.86 -8.08 -21.95
CA ASN A 289 -12.72 -7.10 -22.61
C ASN A 289 -13.70 -6.43 -21.65
N SER A 290 -13.81 -6.90 -20.41
CA SER A 290 -14.68 -6.25 -19.43
C SER A 290 -14.45 -6.85 -18.07
N TYR A 291 -14.76 -6.05 -17.04
CA TYR A 291 -14.67 -6.47 -15.64
C TYR A 291 -15.41 -5.46 -14.79
N GLY A 292 -16.59 -5.82 -14.30
CA GLY A 292 -17.36 -4.92 -13.49
C GLY A 292 -18.46 -5.62 -12.74
N CYS A 293 -19.45 -4.84 -12.33
CA CYS A 293 -20.59 -5.36 -11.58
C CYS A 293 -21.86 -4.75 -12.13
N THR A 294 -22.96 -5.46 -11.95
CA THR A 294 -24.26 -4.90 -12.26
C THR A 294 -24.69 -3.92 -11.18
N ASP A 295 -25.77 -3.19 -11.47
CA ASP A 295 -26.37 -2.30 -10.47
C ASP A 295 -27.89 -2.35 -10.53
N ASP A 296 -28.47 -3.29 -11.27
CA ASP A 296 -29.91 -3.42 -11.40
C ASP A 296 -30.42 -4.77 -10.89
N ILE A 297 -29.54 -5.60 -10.33
CA ILE A 297 -29.92 -6.86 -9.72
C ILE A 297 -29.74 -6.70 -8.22
N VAL A 298 -30.85 -6.69 -7.49
CA VAL A 298 -30.84 -6.20 -6.11
C VAL A 298 -31.49 -7.20 -5.16
N THR A 299 -31.43 -8.49 -5.49
CA THR A 299 -31.96 -9.51 -4.58
C THR A 299 -30.98 -9.82 -3.46
N SER A 300 -29.69 -9.64 -3.70
CA SER A 300 -28.63 -9.99 -2.75
C SER A 300 -27.98 -8.74 -2.21
N ASP A 301 -27.28 -8.89 -1.09
CA ASP A 301 -26.46 -7.80 -0.57
C ASP A 301 -25.13 -7.70 -1.28
N HIS A 302 -24.85 -8.57 -2.25
CA HIS A 302 -23.72 -8.45 -3.16
C HIS A 302 -24.21 -8.04 -4.54
N SER A 303 -23.40 -7.23 -5.23
CA SER A 303 -23.83 -7.12 -6.62
C SER A 303 -23.14 -8.17 -7.47
N PRO A 304 -23.83 -8.70 -8.48
CA PRO A 304 -23.18 -9.62 -9.41
C PRO A 304 -21.97 -8.96 -10.07
N VAL A 305 -20.88 -9.71 -10.16
CA VAL A 305 -19.67 -9.27 -10.83
C VAL A 305 -19.48 -10.11 -12.08
N PHE A 306 -19.03 -9.49 -13.16
CA PHE A 306 -18.85 -10.17 -14.42
C PHE A 306 -17.44 -9.96 -14.94
N GLY A 307 -17.05 -10.81 -15.88
CA GLY A 307 -15.77 -10.70 -16.54
C GLY A 307 -15.75 -11.47 -17.84
N THR A 308 -15.26 -10.83 -18.91
CA THR A 308 -15.18 -11.46 -20.23
C THR A 308 -13.76 -11.39 -20.73
N PHE A 309 -13.34 -12.44 -21.43
CA PHE A 309 -11.96 -12.56 -21.90
C PHE A 309 -11.92 -13.21 -23.27
N GLU A 310 -10.96 -12.78 -24.08
CA GLU A 310 -10.62 -13.47 -25.32
C GLU A 310 -9.37 -14.31 -25.06
N VAL A 311 -9.51 -15.62 -25.20
CA VAL A 311 -8.43 -16.56 -24.88
C VAL A 311 -8.12 -17.39 -26.10
N GLY A 312 -6.86 -17.82 -26.19
CA GLY A 312 -6.41 -18.63 -27.32
C GLY A 312 -6.92 -20.06 -27.29
N PRO B 5 13.64 38.35 2.91
CA PRO B 5 13.53 37.31 1.89
C PRO B 5 12.14 36.68 1.83
N ASP B 6 11.73 36.23 0.64
CA ASP B 6 10.43 35.60 0.45
C ASP B 6 10.49 34.08 0.48
N MET B 7 11.64 33.48 0.17
CA MET B 7 11.78 32.04 0.15
C MET B 7 13.15 31.68 0.69
N ILE B 8 13.24 30.51 1.33
CA ILE B 8 14.49 30.04 1.91
C ILE B 8 14.68 28.56 1.59
N SER B 9 15.94 28.12 1.65
CA SER B 9 16.31 26.74 1.42
C SER B 9 16.56 26.06 2.76
N VAL B 10 15.97 24.87 2.94
CA VAL B 10 16.06 24.14 4.20
C VAL B 10 16.58 22.74 3.92
N PHE B 11 17.65 22.36 4.62
CA PHE B 11 18.18 21.00 4.56
C PHE B 11 17.72 20.22 5.78
N ILE B 12 17.33 18.97 5.55
CA ILE B 12 16.96 18.06 6.61
C ILE B 12 17.76 16.79 6.45
N GLY B 13 18.55 16.44 7.46
CA GLY B 13 19.28 15.20 7.47
C GLY B 13 18.86 14.33 8.62
N THR B 14 18.56 13.06 8.34
CA THR B 14 18.28 12.08 9.37
C THR B 14 19.25 10.92 9.21
N TRP B 15 19.86 10.51 10.32
CA TRP B 15 20.89 9.47 10.27
C TRP B 15 20.91 8.74 11.60
N ASN B 16 20.59 7.44 11.57
CA ASN B 16 20.83 6.57 12.71
C ASN B 16 22.28 6.12 12.64
N MET B 17 23.11 6.62 13.57
CA MET B 17 24.55 6.48 13.49
C MET B 17 25.06 5.16 14.07
N GLY B 18 24.18 4.27 14.52
CA GLY B 18 24.60 2.96 14.98
C GLY B 18 25.50 2.97 16.19
N SER B 19 25.34 3.93 17.09
CA SER B 19 26.05 3.97 18.36
C SER B 19 27.56 4.06 18.18
N VAL B 20 28.03 4.50 17.02
CA VAL B 20 29.46 4.72 16.80
C VAL B 20 29.65 6.11 16.20
N PRO B 21 30.83 6.68 16.39
CA PRO B 21 31.11 8.03 15.85
C PRO B 21 30.99 8.05 14.35
N PRO B 22 30.81 9.24 13.76
CA PRO B 22 30.77 9.34 12.30
C PRO B 22 32.18 9.41 11.74
N PRO B 23 32.34 9.27 10.43
CA PRO B 23 33.65 9.50 9.81
C PRO B 23 33.93 10.99 9.70
N LYS B 24 35.20 11.31 9.44
CA LYS B 24 35.59 12.72 9.36
C LYS B 24 34.81 13.44 8.27
N ASN B 25 34.56 12.78 7.15
CA ASN B 25 33.92 13.39 5.98
C ASN B 25 32.50 12.88 5.83
N VAL B 26 31.53 13.77 5.98
CA VAL B 26 30.14 13.46 5.70
C VAL B 26 29.60 14.50 4.71
N THR B 27 30.52 15.09 3.93
CA THR B 27 30.16 16.13 2.97
C THR B 27 29.04 15.68 2.04
N SER B 28 29.05 14.40 1.65
CA SER B 28 28.01 13.91 0.74
C SER B 28 26.63 13.99 1.39
N TRP B 29 26.56 13.87 2.70
CA TRP B 29 25.29 14.01 3.41
C TRP B 29 24.76 15.44 3.29
N PHE B 30 25.62 16.43 3.59
CA PHE B 30 25.21 17.82 3.56
C PHE B 30 24.83 18.28 2.16
N THR B 31 25.50 17.74 1.13
CA THR B 31 25.36 18.21 -0.24
C THR B 31 24.35 17.42 -1.05
N SER B 32 23.68 16.44 -0.44
CA SER B 32 22.66 15.65 -1.13
C SER B 32 23.25 14.85 -2.29
N LYS B 33 24.48 14.35 -2.10
CA LYS B 33 25.14 13.48 -3.06
C LYS B 33 24.92 12.02 -2.65
N GLY B 34 24.55 11.18 -3.61
CA GLY B 34 24.34 9.77 -3.36
C GLY B 34 23.34 9.15 -4.30
N LEU B 35 22.33 8.48 -3.74
CA LEU B 35 21.32 7.78 -4.52
C LEU B 35 19.95 8.38 -4.28
N GLY B 36 19.08 8.28 -5.27
CA GLY B 36 17.74 8.80 -5.21
C GLY B 36 17.63 10.16 -5.88
N LYS B 37 16.63 10.92 -5.43
CA LYS B 37 16.49 12.30 -5.88
C LYS B 37 17.62 13.12 -5.29
N THR B 38 18.72 13.25 -6.02
CA THR B 38 19.96 13.80 -5.51
C THR B 38 20.29 15.11 -6.21
N LEU B 39 21.39 15.73 -5.78
CA LEU B 39 21.95 16.94 -6.39
C LEU B 39 23.31 16.63 -6.98
N ASP B 40 23.49 15.43 -7.52
CA ASP B 40 24.79 15.02 -8.03
C ASP B 40 25.23 15.88 -9.21
N GLU B 41 24.28 16.25 -10.08
CA GLU B 41 24.65 16.98 -11.28
C GLU B 41 24.97 18.45 -11.01
N VAL B 42 24.45 19.03 -9.93
CA VAL B 42 24.81 20.40 -9.58
C VAL B 42 26.30 20.44 -9.27
N THR B 43 27.00 21.37 -9.90
CA THR B 43 28.46 21.41 -9.78
C THR B 43 28.91 22.17 -8.52
N VAL B 44 28.46 23.40 -8.37
CA VAL B 44 28.87 24.24 -7.25
C VAL B 44 27.90 24.06 -6.09
N THR B 45 28.42 23.75 -4.92
CA THR B 45 27.60 23.61 -3.73
C THR B 45 27.05 24.97 -3.31
N ILE B 46 25.74 25.06 -3.21
CA ILE B 46 25.05 26.29 -2.84
C ILE B 46 24.57 26.16 -1.41
N PRO B 47 25.04 26.98 -0.47
CA PRO B 47 24.69 26.79 0.94
C PRO B 47 23.20 27.05 1.18
N HIS B 48 22.60 26.16 1.98
CA HIS B 48 21.20 26.32 2.34
C HIS B 48 21.07 27.33 3.49
N ASP B 49 19.88 27.92 3.58
CA ASP B 49 19.64 28.92 4.61
C ASP B 49 19.55 28.29 5.99
N ILE B 50 19.11 27.04 6.09
CA ILE B 50 18.97 26.34 7.35
C ILE B 50 19.37 24.88 7.15
N TYR B 51 20.17 24.35 8.08
CA TYR B 51 20.50 22.94 8.13
C TYR B 51 19.93 22.36 9.41
N VAL B 52 19.09 21.34 9.27
CA VAL B 52 18.55 20.58 10.40
C VAL B 52 19.14 19.18 10.34
N PHE B 53 19.72 18.74 11.46
CA PHE B 53 20.32 17.41 11.53
C PHE B 53 19.60 16.62 12.62
N GLY B 54 18.91 15.56 12.22
CA GLY B 54 18.33 14.64 13.17
C GLY B 54 19.11 13.33 13.21
N THR B 55 19.60 12.94 14.38
CA THR B 55 20.35 11.71 14.53
C THR B 55 19.73 10.84 15.61
N GLN B 56 19.88 9.53 15.45
CA GLN B 56 19.49 8.55 16.44
C GLN B 56 20.69 7.65 16.73
N GLU B 57 20.72 7.09 17.93
CA GLU B 57 21.85 6.29 18.38
C GLU B 57 23.16 7.03 18.12
N ASN B 58 23.17 8.32 18.46
CA ASN B 58 24.31 9.21 18.26
C ASN B 58 25.11 9.21 19.55
N SER B 59 26.33 8.69 19.51
CA SER B 59 27.15 8.54 20.70
C SER B 59 27.98 9.77 21.02
N VAL B 60 27.98 10.79 20.16
CA VAL B 60 28.78 11.99 20.39
C VAL B 60 28.09 12.89 21.40
N GLY B 61 28.86 13.44 22.33
CA GLY B 61 28.31 14.41 23.25
C GLY B 61 27.68 15.58 22.53
N ASP B 62 26.61 16.13 23.14
CA ASP B 62 25.85 17.19 22.49
C ASP B 62 26.75 18.34 22.06
N ARG B 63 27.64 18.79 22.94
CA ARG B 63 28.54 19.88 22.61
C ARG B 63 29.49 19.49 21.47
N GLU B 64 30.09 18.30 21.56
CA GLU B 64 31.00 17.86 20.52
C GLU B 64 30.28 17.70 19.19
N TRP B 65 29.09 17.09 19.20
CA TRP B 65 28.35 16.86 17.96
C TRP B 65 28.02 18.18 17.27
N LEU B 66 27.55 19.17 18.02
CA LEU B 66 27.22 20.46 17.42
C LEU B 66 28.44 21.10 16.78
N ASP B 67 29.58 21.05 17.46
CA ASP B 67 30.80 21.60 16.89
C ASP B 67 31.19 20.89 15.59
N LEU B 68 30.88 19.59 15.48
CA LEU B 68 31.16 18.87 14.24
C LEU B 68 30.40 19.48 13.07
N LEU B 69 29.08 19.68 13.24
CA LEU B 69 28.27 20.24 12.18
C LEU B 69 28.71 21.66 11.84
N ARG B 70 29.10 22.44 12.86
CA ARG B 70 29.65 23.77 12.62
C ARG B 70 30.85 23.71 11.68
N GLY B 71 31.87 22.95 12.07
CA GLY B 71 33.07 22.86 11.24
C GLY B 71 32.79 22.31 9.87
N GLY B 72 31.97 21.25 9.79
CA GLY B 72 31.63 20.68 8.50
C GLY B 72 31.00 21.71 7.57
N LEU B 73 30.10 22.54 8.10
CA LEU B 73 29.46 23.56 7.29
C LEU B 73 30.40 24.72 6.99
N LYS B 74 31.35 24.99 7.89
CA LYS B 74 32.38 25.98 7.60
C LYS B 74 33.36 25.47 6.55
N GLU B 75 33.77 24.21 6.67
CA GLU B 75 34.66 23.61 5.67
C GLU B 75 33.96 23.43 4.33
N LEU B 76 32.63 23.35 4.32
CA LEU B 76 31.88 23.19 3.08
C LEU B 76 31.52 24.53 2.44
N THR B 77 30.91 25.43 3.21
CA THR B 77 30.44 26.70 2.67
C THR B 77 31.37 27.87 2.96
N ASP B 78 32.28 27.73 3.91
CA ASP B 78 33.15 28.80 4.38
C ASP B 78 32.39 29.84 5.20
N LEU B 79 31.13 29.57 5.55
CA LEU B 79 30.33 30.46 6.36
C LEU B 79 30.23 29.92 7.78
N ASP B 80 30.18 30.83 8.75
CA ASP B 80 30.02 30.46 10.15
C ASP B 80 28.52 30.37 10.44
N TYR B 81 27.98 29.17 10.29
CA TYR B 81 26.56 28.96 10.59
C TYR B 81 26.32 29.07 12.10
N ARG B 82 25.22 29.74 12.45
CA ARG B 82 24.91 30.03 13.84
C ARG B 82 23.94 28.99 14.37
N PRO B 83 24.31 28.21 15.39
CA PRO B 83 23.35 27.25 15.96
C PRO B 83 22.26 27.98 16.72
N ILE B 84 21.00 27.66 16.39
CA ILE B 84 19.88 28.32 17.06
C ILE B 84 19.19 27.40 18.06
N ALA B 85 19.29 26.08 17.89
CA ALA B 85 18.66 25.18 18.85
C ALA B 85 19.28 23.80 18.71
N MET B 86 19.32 23.08 19.82
CA MET B 86 19.72 21.68 19.84
C MET B 86 19.00 21.00 20.99
N GLN B 87 18.45 19.82 20.73
CA GLN B 87 17.72 19.06 21.74
C GLN B 87 18.13 17.60 21.64
N SER B 88 18.43 17.00 22.79
CA SER B 88 18.80 15.59 22.83
C SER B 88 17.96 14.86 23.86
N LEU B 89 17.60 13.63 23.52
CA LEU B 89 16.88 12.73 24.42
C LEU B 89 17.69 11.44 24.40
N TRP B 90 18.58 11.29 25.38
CA TRP B 90 19.55 10.20 25.37
C TRP B 90 20.39 10.26 24.10
N ASN B 91 20.25 9.28 23.22
CA ASN B 91 21.04 9.20 21.99
C ASN B 91 20.30 9.75 20.77
N ILE B 92 19.11 10.31 20.97
CA ILE B 92 18.33 10.97 19.93
C ILE B 92 18.62 12.46 20.00
N LYS B 93 19.21 13.01 18.94
CA LYS B 93 19.69 14.38 18.98
C LYS B 93 19.32 15.10 17.70
N VAL B 94 18.89 16.35 17.84
CA VAL B 94 18.54 17.20 16.70
C VAL B 94 19.24 18.53 16.90
N ALA B 95 19.70 19.12 15.79
CA ALA B 95 20.37 20.40 15.82
C ALA B 95 19.91 21.22 14.63
N VAL B 96 19.79 22.53 14.84
CA VAL B 96 19.35 23.46 13.80
C VAL B 96 20.38 24.57 13.71
N LEU B 97 20.96 24.77 12.53
CA LEU B 97 21.92 25.84 12.28
C LEU B 97 21.44 26.70 11.13
N VAL B 98 21.84 27.97 11.16
CA VAL B 98 21.30 28.98 10.27
C VAL B 98 22.43 29.78 9.65
N LYS B 99 22.28 30.10 8.37
CA LYS B 99 23.17 31.06 7.72
C LYS B 99 23.34 32.28 8.62
N PRO B 100 24.53 32.86 8.68
CA PRO B 100 24.76 33.97 9.62
C PRO B 100 23.89 35.19 9.36
N GLU B 101 23.51 35.42 8.10
CA GLU B 101 22.69 36.58 7.74
C GLU B 101 21.23 36.43 8.17
N HIS B 102 20.87 35.36 8.87
CA HIS B 102 19.47 35.06 9.16
C HIS B 102 19.10 35.06 10.63
N GLU B 103 20.07 34.90 11.55
CA GLU B 103 19.72 34.76 12.95
C GLU B 103 18.92 35.98 13.45
N ASN B 104 19.18 37.16 12.89
CA ASN B 104 18.36 38.31 13.24
C ASN B 104 16.93 38.21 12.72
N ARG B 105 16.59 37.11 12.04
CA ARG B 105 15.22 36.85 11.60
C ARG B 105 14.55 35.70 12.34
N ILE B 106 15.29 35.00 13.20
CA ILE B 106 14.77 33.87 13.97
C ILE B 106 14.24 34.38 15.31
N SER B 107 13.09 33.86 15.72
CA SER B 107 12.51 34.21 17.01
C SER B 107 11.64 33.07 17.50
N HIS B 108 11.22 33.16 18.76
CA HIS B 108 10.33 32.17 19.37
C HIS B 108 10.92 30.78 19.28
N VAL B 109 12.23 30.66 19.54
CA VAL B 109 12.90 29.37 19.48
C VAL B 109 12.41 28.50 20.63
N SER B 110 11.96 27.29 20.31
CA SER B 110 11.45 26.35 21.28
C SER B 110 12.04 24.97 21.02
N THR B 111 12.28 24.22 22.10
CA THR B 111 12.69 22.83 22.01
C THR B 111 11.86 22.00 22.98
N SER B 112 11.81 20.70 22.73
CA SER B 112 11.02 19.80 23.56
C SER B 112 11.38 18.37 23.19
N SER B 113 11.04 17.44 24.09
CA SER B 113 11.32 16.03 23.88
C SER B 113 10.27 15.21 24.59
N VAL B 114 10.02 14.01 24.07
CA VAL B 114 9.02 13.10 24.63
C VAL B 114 9.56 11.68 24.56
N LYS B 115 9.43 10.95 25.66
CA LYS B 115 9.71 9.51 25.68
C LYS B 115 8.43 8.75 25.34
N THR B 116 8.57 7.71 24.52
CA THR B 116 7.42 6.96 24.03
C THR B 116 7.43 5.54 24.58
N GLY B 117 6.23 5.04 24.86
CA GLY B 117 6.06 3.65 25.26
C GLY B 117 6.23 3.41 26.74
N ILE B 118 6.29 2.13 27.08
CA ILE B 118 6.49 1.69 28.46
C ILE B 118 5.39 2.25 29.35
N ASN B 124 16.49 5.41 24.56
CA ASN B 124 15.44 4.52 24.11
C ASN B 124 14.77 5.05 22.84
N LYS B 125 13.45 5.14 22.90
CA LYS B 125 12.65 5.65 21.79
C LYS B 125 11.93 6.91 22.23
N GLY B 126 11.64 7.78 21.26
CA GLY B 126 11.00 9.04 21.56
C GLY B 126 11.23 10.02 20.42
N ALA B 127 11.12 11.30 20.77
CA ALA B 127 11.32 12.35 19.77
C ALA B 127 11.89 13.59 20.43
N VAL B 128 12.64 14.35 19.64
CA VAL B 128 13.09 15.68 20.02
C VAL B 128 12.64 16.64 18.92
N GLY B 129 12.23 17.83 19.33
CA GLY B 129 11.69 18.79 18.40
C GLY B 129 12.33 20.16 18.59
N VAL B 130 12.35 20.91 17.49
CA VAL B 130 12.77 22.31 17.51
C VAL B 130 11.78 23.10 16.67
N SER B 131 11.30 24.21 17.21
CA SER B 131 10.43 25.11 16.48
C SER B 131 10.93 26.54 16.66
N PHE B 132 10.62 27.38 15.68
CA PHE B 132 10.96 28.79 15.75
C PHE B 132 10.20 29.50 14.64
N MET B 133 10.30 30.82 14.63
CA MET B 133 9.73 31.66 13.60
C MET B 133 10.84 32.20 12.72
N PHE B 134 10.68 32.07 11.40
CA PHE B 134 11.52 32.78 10.44
C PHE B 134 10.67 33.91 9.87
N ASN B 135 10.99 35.14 10.25
CA ASN B 135 10.10 36.28 10.02
C ASN B 135 8.77 35.92 10.66
N GLY B 136 7.66 35.93 9.92
CA GLY B 136 6.38 35.54 10.48
C GLY B 136 5.94 34.15 10.09
N THR B 137 6.87 33.28 9.70
CA THR B 137 6.56 31.91 9.31
C THR B 137 7.11 30.95 10.36
N SER B 138 6.22 30.18 10.98
CA SER B 138 6.60 29.24 12.03
C SER B 138 7.05 27.91 11.44
N PHE B 139 8.04 27.29 12.10
CA PHE B 139 8.60 26.02 11.66
C PHE B 139 8.60 25.03 12.81
N GLY B 140 8.33 23.77 12.47
CA GLY B 140 8.45 22.68 13.43
C GLY B 140 9.37 21.62 12.87
N PHE B 141 10.25 21.10 13.72
CA PHE B 141 11.19 20.05 13.33
C PHE B 141 11.17 18.96 14.39
N VAL B 142 10.56 17.83 14.06
CA VAL B 142 10.47 16.67 14.95
C VAL B 142 11.44 15.61 14.45
N ASN B 143 12.32 15.14 15.34
CA ASN B 143 13.26 14.06 15.05
C ASN B 143 12.98 12.93 16.03
N CYS B 144 12.59 11.77 15.53
CA CYS B 144 12.13 10.68 16.39
C CYS B 144 12.90 9.40 16.11
N HIS B 145 12.70 8.43 17.00
CA HIS B 145 13.22 7.07 16.87
C HIS B 145 12.14 6.14 17.45
N LEU B 146 11.35 5.54 16.57
CA LEU B 146 10.20 4.76 16.99
C LEU B 146 10.59 3.31 17.23
N THR B 147 9.61 2.54 17.73
CA THR B 147 9.84 1.15 18.10
C THR B 147 10.33 0.33 16.91
N SER B 148 11.20 -0.64 17.20
CA SER B 148 11.78 -1.51 16.19
C SER B 148 11.03 -2.83 16.10
N GLY B 149 11.37 -3.61 15.10
CA GLY B 149 10.79 -4.92 14.89
C GLY B 149 9.85 -4.93 13.70
N ASN B 150 9.82 -6.04 12.98
CA ASN B 150 9.00 -6.14 11.78
C ASN B 150 7.51 -6.12 12.12
N GLU B 151 7.13 -6.64 13.29
CA GLU B 151 5.72 -6.81 13.63
C GLU B 151 5.23 -5.83 14.68
N LYS B 152 5.99 -4.77 14.97
CA LYS B 152 5.63 -3.77 15.96
C LYS B 152 5.01 -2.53 15.33
N THR B 153 4.39 -2.68 14.16
CA THR B 153 3.80 -1.53 13.48
C THR B 153 2.81 -0.80 14.39
N ALA B 154 1.91 -1.55 15.04
CA ALA B 154 0.93 -0.92 15.92
C ALA B 154 1.61 -0.08 16.98
N ARG B 155 2.69 -0.61 17.58
CA ARG B 155 3.43 0.17 18.57
C ARG B 155 4.06 1.42 17.94
N ARG B 156 4.54 1.30 16.70
CA ARG B 156 5.07 2.48 16.01
C ARG B 156 3.98 3.53 15.82
N ASN B 157 2.77 3.11 15.45
CA ASN B 157 1.67 4.07 15.33
C ASN B 157 1.36 4.71 16.67
N GLN B 158 1.38 3.91 17.74
CA GLN B 158 1.18 4.47 19.08
C GLN B 158 2.25 5.51 19.41
N ASN B 159 3.51 5.20 19.10
CA ASN B 159 4.58 6.17 19.31
C ASN B 159 4.28 7.46 18.55
N TYR B 160 3.83 7.35 17.31
CA TYR B 160 3.47 8.52 16.53
C TYR B 160 2.39 9.33 17.23
N LEU B 161 1.26 8.69 17.55
CA LEU B 161 0.17 9.39 18.20
C LEU B 161 0.62 10.05 19.49
N ASP B 162 1.53 9.39 20.23
CA ASP B 162 2.00 9.96 21.49
C ASP B 162 2.85 11.20 21.26
N ILE B 163 3.68 11.18 20.21
CA ILE B 163 4.49 12.36 19.90
C ILE B 163 3.61 13.49 19.37
N LEU B 164 2.67 13.16 18.49
CA LEU B 164 1.79 14.15 17.90
C LEU B 164 1.02 14.94 18.95
N ARG B 165 0.84 14.39 20.15
CA ARG B 165 -0.04 14.97 21.15
C ARG B 165 0.64 15.38 22.45
N LEU B 166 1.81 14.83 22.77
CA LEU B 166 2.50 15.15 24.02
C LEU B 166 3.73 16.02 23.83
N LEU B 167 4.16 16.27 22.60
CA LEU B 167 5.36 17.07 22.34
C LEU B 167 5.00 18.54 22.49
N SER B 168 5.53 19.19 23.53
CA SER B 168 5.17 20.56 23.86
C SER B 168 6.07 21.54 23.13
N LEU B 169 6.00 21.49 21.80
CA LEU B 169 6.85 22.28 20.94
C LEU B 169 6.09 23.51 20.44
N GLY B 170 6.61 24.69 20.74
CA GLY B 170 5.98 25.93 20.34
C GLY B 170 5.49 26.71 21.55
N ASP B 171 4.70 27.74 21.26
CA ASP B 171 4.17 28.61 22.30
C ASP B 171 3.00 27.97 23.02
N ARG B 172 2.84 28.34 24.29
CA ARG B 172 1.78 27.75 25.10
C ARG B 172 0.40 28.06 24.52
N GLN B 173 0.17 29.30 24.09
CA GLN B 173 -1.13 29.65 23.52
C GLN B 173 -1.44 28.94 22.20
N LEU B 174 -0.61 27.96 21.82
CA LEU B 174 -0.86 27.12 20.65
C LEU B 174 -1.09 25.67 21.01
N ASN B 175 -0.99 25.31 22.30
CA ASN B 175 -1.14 23.91 22.69
C ASN B 175 -2.56 23.38 22.48
N ALA B 176 -3.51 24.24 22.07
CA ALA B 176 -4.84 23.74 21.73
C ALA B 176 -4.79 22.84 20.50
N PHE B 177 -3.89 23.15 19.56
CA PHE B 177 -3.63 22.29 18.42
C PHE B 177 -2.56 21.26 18.76
N ASP B 178 -2.67 20.08 18.15
CA ASP B 178 -1.57 19.14 18.22
C ASP B 178 -0.49 19.57 17.22
N ILE B 179 0.61 18.82 17.19
CA ILE B 179 1.79 19.27 16.44
C ILE B 179 1.50 19.39 14.96
N SER B 180 0.55 18.62 14.44
CA SER B 180 0.28 18.66 13.00
C SER B 180 -0.38 19.97 12.55
N LEU B 181 -0.73 20.87 13.47
CA LEU B 181 -1.41 22.11 13.12
C LEU B 181 -0.80 23.34 13.79
N ARG B 182 0.32 23.21 14.48
CA ARG B 182 0.89 24.33 15.21
C ARG B 182 1.81 25.21 14.36
N PHE B 183 2.26 24.74 13.20
CA PHE B 183 3.29 25.43 12.44
C PHE B 183 2.88 25.58 11.00
N THR B 184 3.34 26.67 10.38
CA THR B 184 3.16 26.83 8.95
C THR B 184 3.77 25.66 8.19
N HIS B 185 4.95 25.22 8.62
CA HIS B 185 5.66 24.12 7.98
C HIS B 185 6.19 23.19 9.04
N LEU B 186 5.78 21.93 8.97
CA LEU B 186 6.23 20.90 9.89
C LEU B 186 7.05 19.87 9.14
N PHE B 187 8.24 19.55 9.66
CA PHE B 187 9.08 18.48 9.13
C PHE B 187 9.26 17.42 10.21
N TRP B 188 8.96 16.18 9.86
CA TRP B 188 8.98 15.07 10.79
C TRP B 188 9.83 13.96 10.17
N PHE B 189 10.86 13.54 10.90
CA PHE B 189 11.89 12.69 10.32
C PHE B 189 12.52 11.83 11.41
N GLY B 190 13.41 10.94 10.99
CA GLY B 190 14.18 10.11 11.88
C GLY B 190 14.08 8.65 11.50
N ASP B 191 14.42 7.80 12.45
CA ASP B 191 14.26 6.35 12.29
C ASP B 191 12.84 5.99 12.71
N LEU B 192 11.91 6.18 11.79
CA LEU B 192 10.53 5.76 12.03
C LEU B 192 10.42 4.24 12.15
N ASN B 193 11.40 3.51 11.62
CA ASN B 193 11.58 2.09 11.91
C ASN B 193 10.51 1.21 11.26
N TYR B 194 9.76 1.73 10.29
CA TYR B 194 8.78 0.94 9.57
C TYR B 194 9.49 0.05 8.55
N ARG B 195 9.02 -1.19 8.43
CA ARG B 195 9.67 -2.23 7.65
C ARG B 195 8.85 -2.60 6.43
N LEU B 196 9.39 -3.54 5.65
CA LEU B 196 8.75 -4.06 4.46
C LEU B 196 8.01 -5.35 4.78
N ASP B 197 6.79 -5.47 4.25
CA ASP B 197 6.00 -6.70 4.39
C ASP B 197 6.24 -7.60 3.18
N MET B 198 7.41 -8.23 3.17
CA MET B 198 7.75 -9.12 2.07
C MET B 198 8.84 -10.07 2.54
N ASP B 199 8.86 -11.26 1.94
CA ASP B 199 9.92 -12.24 2.22
C ASP B 199 11.29 -11.66 1.92
N ILE B 200 12.29 -12.15 2.64
CA ILE B 200 13.65 -11.64 2.48
C ILE B 200 14.16 -11.88 1.06
N GLN B 201 13.88 -13.05 0.49
CA GLN B 201 14.40 -13.38 -0.83
C GLN B 201 13.82 -12.46 -1.90
N GLU B 202 12.49 -12.29 -1.90
CA GLU B 202 11.87 -11.39 -2.86
C GLU B 202 12.41 -9.98 -2.71
N ILE B 203 12.60 -9.52 -1.47
CA ILE B 203 13.14 -8.19 -1.24
C ILE B 203 14.50 -8.05 -1.91
N LEU B 204 15.46 -8.89 -1.51
CA LEU B 204 16.81 -8.82 -2.07
C LEU B 204 16.78 -8.86 -3.59
N ASN B 205 15.93 -9.72 -4.16
CA ASN B 205 15.81 -9.79 -5.61
C ASN B 205 15.43 -8.43 -6.19
N TYR B 206 14.39 -7.80 -5.64
CA TYR B 206 13.95 -6.51 -6.17
C TYR B 206 15.03 -5.44 -5.98
N ILE B 207 15.73 -5.47 -4.85
CA ILE B 207 16.81 -4.51 -4.63
C ILE B 207 17.90 -4.70 -5.67
N SER B 208 18.28 -5.95 -5.94
CA SER B 208 19.32 -6.20 -6.93
C SER B 208 18.88 -5.73 -8.30
N ARG B 209 17.61 -5.94 -8.66
CA ARG B 209 17.08 -5.41 -9.91
C ARG B 209 16.81 -3.91 -9.83
N LYS B 210 17.07 -3.28 -8.68
CA LYS B 210 16.78 -1.86 -8.50
C LYS B 210 15.32 -1.55 -8.85
N GLU B 211 14.43 -2.49 -8.53
CA GLU B 211 12.98 -2.32 -8.73
C GLU B 211 12.37 -2.02 -7.37
N PHE B 212 12.32 -0.74 -7.02
CA PHE B 212 11.89 -0.32 -5.69
C PHE B 212 10.38 -0.19 -5.56
N GLU B 213 9.66 0.08 -6.65
CA GLU B 213 8.21 0.24 -6.55
C GLU B 213 7.53 -0.96 -5.91
N PRO B 214 7.79 -2.21 -6.33
CA PRO B 214 7.12 -3.34 -5.68
C PRO B 214 7.33 -3.39 -4.18
N LEU B 215 8.50 -2.95 -3.70
CA LEU B 215 8.73 -2.97 -2.26
C LEU B 215 8.06 -1.79 -1.56
N LEU B 216 8.01 -0.62 -2.22
CA LEU B 216 7.35 0.52 -1.60
C LEU B 216 5.87 0.26 -1.37
N ARG B 217 5.24 -0.55 -2.21
CA ARG B 217 3.84 -0.89 -2.02
C ARG B 217 3.61 -1.60 -0.70
N VAL B 218 4.60 -2.34 -0.21
CA VAL B 218 4.46 -3.11 1.02
C VAL B 218 5.22 -2.47 2.18
N ASP B 219 5.67 -1.22 2.02
CA ASP B 219 6.29 -0.49 3.12
C ASP B 219 5.23 -0.13 4.17
N GLN B 220 5.50 -0.51 5.42
CA GLN B 220 4.50 -0.33 6.47
C GLN B 220 4.14 1.14 6.66
N LEU B 221 5.11 2.04 6.51
CA LEU B 221 4.79 3.47 6.62
C LEU B 221 3.79 3.89 5.56
N ASN B 222 4.07 3.56 4.29
CA ASN B 222 3.11 3.83 3.23
C ASN B 222 1.77 3.16 3.53
N LEU B 223 1.80 1.91 3.99
CA LEU B 223 0.56 1.19 4.26
C LEU B 223 -0.25 1.84 5.37
N GLU B 224 0.43 2.34 6.40
CA GLU B 224 -0.30 2.95 7.51
C GLU B 224 -0.76 4.36 7.17
N ARG B 225 -0.03 5.05 6.31
CA ARG B 225 -0.54 6.31 5.76
C ARG B 225 -1.74 6.05 4.84
N GLU B 226 -1.69 4.98 4.06
CA GLU B 226 -2.79 4.68 3.16
C GLU B 226 -4.02 4.21 3.91
N LYS B 227 -3.85 3.56 5.06
CA LYS B 227 -4.96 3.25 5.94
C LYS B 227 -5.43 4.47 6.72
N HIS B 228 -4.74 5.61 6.58
CA HIS B 228 -5.05 6.84 7.31
C HIS B 228 -4.83 6.70 8.81
N LYS B 229 -3.93 5.79 9.20
CA LYS B 229 -3.66 5.56 10.62
C LYS B 229 -2.69 6.59 11.19
N VAL B 230 -1.73 7.04 10.39
CA VAL B 230 -0.67 7.93 10.87
C VAL B 230 -0.34 8.96 9.79
N PHE B 231 0.30 10.04 10.22
CA PHE B 231 0.81 11.06 9.31
C PHE B 231 -0.28 11.54 8.35
N LEU B 232 -1.48 11.75 8.87
CA LEU B 232 -2.59 12.22 8.07
C LEU B 232 -2.22 13.52 7.36
N ARG B 233 -2.29 13.50 6.03
CA ARG B 233 -2.04 14.67 5.19
C ARG B 233 -0.59 15.13 5.22
N PHE B 234 0.33 14.26 5.64
CA PHE B 234 1.74 14.52 5.43
C PHE B 234 2.12 14.18 3.99
N SER B 235 3.24 14.73 3.54
CA SER B 235 3.81 14.39 2.24
C SER B 235 5.20 13.80 2.42
N GLU B 236 5.57 12.93 1.50
CA GLU B 236 6.93 12.42 1.40
C GLU B 236 7.33 12.38 -0.07
N GLU B 237 8.53 12.86 -0.37
CA GLU B 237 9.03 12.76 -1.72
C GLU B 237 9.12 11.30 -2.13
N GLU B 238 8.85 11.04 -3.41
CA GLU B 238 8.97 9.69 -3.94
C GLU B 238 10.36 9.14 -3.65
N ILE B 239 10.41 7.87 -3.27
CA ILE B 239 11.65 7.21 -2.87
C ILE B 239 12.21 6.46 -4.08
N SER B 240 13.43 6.83 -4.48
CA SER B 240 14.13 6.15 -5.57
C SER B 240 15.53 5.71 -5.16
N PHE B 241 15.80 5.67 -3.86
CA PHE B 241 17.03 5.14 -3.30
C PHE B 241 16.75 3.83 -2.59
N PRO B 242 17.75 2.96 -2.45
CA PRO B 242 17.51 1.64 -1.88
C PRO B 242 17.22 1.74 -0.39
N PRO B 243 16.68 0.67 0.21
CA PRO B 243 16.48 0.67 1.66
C PRO B 243 17.75 1.06 2.41
N THR B 244 17.58 1.79 3.50
CA THR B 244 18.69 2.33 4.28
C THR B 244 19.02 1.47 5.51
N TYR B 245 18.37 0.33 5.66
CA TYR B 245 18.56 -0.58 6.78
C TYR B 245 18.32 -1.99 6.23
N ARG B 246 19.05 -2.99 6.70
CA ARG B 246 20.16 -2.83 7.63
C ARG B 246 21.46 -3.26 6.95
N TYR B 247 22.42 -2.35 6.83
CA TYR B 247 23.66 -2.59 6.13
C TYR B 247 24.71 -3.18 7.06
N GLU B 248 25.56 -4.04 6.50
CA GLU B 248 26.83 -4.36 7.14
C GLU B 248 27.65 -3.09 7.27
N ARG B 249 28.31 -2.93 8.42
CA ARG B 249 29.10 -1.73 8.64
C ARG B 249 30.36 -1.77 7.78
N GLY B 250 30.79 -0.60 7.33
CA GLY B 250 32.00 -0.48 6.53
C GLY B 250 31.83 -0.69 5.05
N SER B 251 30.59 -0.83 4.55
CA SER B 251 30.36 -1.02 3.13
C SER B 251 28.88 -0.80 2.84
N ARG B 252 28.56 -0.63 1.55
CA ARG B 252 27.19 -0.50 1.10
C ARG B 252 26.75 -1.62 0.16
N ASP B 253 27.60 -2.61 -0.10
CA ASP B 253 27.28 -3.68 -1.04
C ASP B 253 26.75 -4.94 -0.34
N THR B 254 26.13 -4.78 0.83
CA THR B 254 25.67 -5.95 1.58
C THR B 254 24.63 -5.52 2.61
N TYR B 255 23.49 -6.19 2.61
CA TYR B 255 22.52 -6.03 3.67
C TYR B 255 22.76 -7.09 4.74
N ALA B 256 22.98 -6.64 5.99
CA ALA B 256 23.17 -7.55 7.12
C ALA B 256 21.79 -7.88 7.71
N TRP B 257 21.02 -8.63 6.92
CA TRP B 257 19.65 -8.97 7.28
C TRP B 257 19.54 -10.14 8.25
N HIS B 258 20.61 -10.91 8.44
CA HIS B 258 20.59 -12.08 9.29
C HIS B 258 21.88 -12.12 10.11
N LYS B 259 22.06 -11.09 10.95
CA LYS B 259 23.23 -10.99 11.80
C LYS B 259 23.12 -11.97 12.95
N GLN B 260 24.15 -12.79 13.15
CA GLN B 260 24.20 -13.76 14.23
C GLN B 260 25.20 -13.29 15.27
N LYS B 261 24.72 -13.05 16.48
CA LYS B 261 25.59 -12.54 17.55
C LYS B 261 25.28 -13.26 18.87
N PRO B 262 26.15 -13.11 19.88
CA PRO B 262 25.85 -13.72 21.19
C PRO B 262 24.62 -13.13 21.86
N THR B 263 24.03 -12.06 21.31
CA THR B 263 22.81 -11.47 21.84
C THR B 263 21.58 -11.88 21.04
N GLY B 264 21.69 -12.89 20.18
CA GLY B 264 20.56 -13.34 19.38
C GLY B 264 20.79 -13.26 17.89
N VAL B 265 19.98 -13.98 17.11
CA VAL B 265 20.09 -13.99 15.66
C VAL B 265 18.90 -13.25 15.06
N ARG B 266 18.89 -11.92 15.20
CA ARG B 266 17.78 -11.12 14.73
C ARG B 266 17.79 -11.05 13.20
N THR B 267 16.64 -11.35 12.59
CA THR B 267 16.47 -11.26 11.14
C THR B 267 15.76 -9.94 10.82
N ASN B 268 16.48 -9.03 10.18
CA ASN B 268 15.95 -7.72 9.79
C ASN B 268 16.00 -7.61 8.27
N VAL B 269 14.85 -7.76 7.62
CA VAL B 269 14.78 -7.59 6.17
C VAL B 269 15.10 -6.12 5.87
N PRO B 270 15.73 -5.84 4.74
CA PRO B 270 16.02 -4.44 4.40
C PRO B 270 14.74 -3.62 4.41
N SER B 271 14.83 -2.40 4.97
CA SER B 271 13.68 -1.56 5.13
C SER B 271 14.07 -0.10 4.99
N TRP B 272 13.10 0.73 4.59
CA TRP B 272 13.25 2.18 4.60
C TRP B 272 12.85 2.68 5.99
N CYS B 273 13.77 2.50 6.93
CA CYS B 273 13.53 2.94 8.30
C CYS B 273 13.61 4.45 8.46
N ASP B 274 14.38 5.11 7.60
CA ASP B 274 14.79 6.49 7.82
C ASP B 274 14.13 7.39 6.79
N ARG B 275 13.29 8.32 7.25
CA ARG B 275 12.35 9.00 6.39
C ARG B 275 12.26 10.48 6.77
N ILE B 276 11.86 11.28 5.80
CA ILE B 276 11.59 12.70 5.99
C ILE B 276 10.21 12.99 5.41
N LEU B 277 9.26 13.31 6.27
CA LEU B 277 7.93 13.73 5.84
C LEU B 277 7.70 15.17 6.27
N TRP B 278 6.73 15.83 5.64
CA TRP B 278 6.45 17.21 5.95
C TRP B 278 4.95 17.47 5.81
N LYS B 279 4.55 18.64 6.31
CA LYS B 279 3.13 19.02 6.33
C LYS B 279 3.07 20.54 6.47
N SER B 280 2.41 21.20 5.52
CA SER B 280 2.31 22.65 5.52
C SER B 280 0.86 23.08 5.53
N TYR B 281 0.61 24.25 6.12
CA TYR B 281 -0.73 24.79 6.14
C TYR B 281 -1.22 25.03 4.72
N PRO B 282 -2.54 24.97 4.49
CA PRO B 282 -3.07 25.17 3.15
C PRO B 282 -2.58 26.46 2.51
N GLU B 283 -2.21 26.39 1.24
CA GLU B 283 -1.79 27.52 0.42
C GLU B 283 -0.41 28.06 0.81
N THR B 284 0.35 27.34 1.61
CA THR B 284 1.76 27.65 1.83
C THR B 284 2.61 26.67 1.03
N HIS B 285 3.63 27.21 0.35
CA HIS B 285 4.42 26.41 -0.57
C HIS B 285 5.62 25.77 0.13
N ILE B 286 5.96 24.56 -0.30
CA ILE B 286 7.14 23.85 0.18
C ILE B 286 7.53 22.79 -0.84
N ILE B 287 8.46 23.13 -1.72
CA ILE B 287 8.87 22.23 -2.80
C ILE B 287 10.09 21.44 -2.36
N CYS B 288 10.12 20.16 -2.70
CA CYS B 288 11.22 19.27 -2.35
C CYS B 288 12.19 19.18 -3.51
N ASN B 289 13.46 19.55 -3.27
CA ASN B 289 14.48 19.53 -4.30
C ASN B 289 15.26 18.23 -4.34
N SER B 290 15.42 17.56 -3.20
CA SER B 290 16.19 16.32 -3.16
C SER B 290 15.66 15.43 -2.06
N TYR B 291 15.80 14.12 -2.26
CA TYR B 291 15.41 13.13 -1.27
C TYR B 291 16.17 11.84 -1.60
N GLY B 292 17.19 11.53 -0.81
CA GLY B 292 17.96 10.34 -1.06
C GLY B 292 18.84 10.00 0.11
N CYS B 293 19.77 9.08 -0.13
CA CYS B 293 20.71 8.63 0.88
C CYS B 293 22.12 8.69 0.31
N THR B 294 23.09 8.72 1.21
CA THR B 294 24.47 8.61 0.79
C THR B 294 24.84 7.14 0.60
N ASP B 295 25.92 6.91 -0.13
CA ASP B 295 26.46 5.58 -0.30
C ASP B 295 27.93 5.47 0.08
N ASP B 296 28.53 6.56 0.54
CA ASP B 296 29.94 6.58 0.90
C ASP B 296 30.18 6.68 2.41
N ILE B 297 29.13 6.82 3.20
CA ILE B 297 29.23 6.88 4.66
C ILE B 297 28.81 5.52 5.20
N VAL B 298 29.76 4.80 5.79
CA VAL B 298 29.56 3.39 6.11
C VAL B 298 29.96 3.09 7.54
N THR B 299 29.88 4.09 8.42
CA THR B 299 30.16 3.84 9.83
C THR B 299 28.99 3.16 10.53
N SER B 300 27.77 3.34 10.03
CA SER B 300 26.57 2.85 10.67
C SER B 300 25.88 1.82 9.78
N ASP B 301 25.10 0.95 10.42
CA ASP B 301 24.26 0.02 9.67
C ASP B 301 23.04 0.70 9.06
N HIS B 302 22.86 2.01 9.27
CA HIS B 302 21.89 2.82 8.55
C HIS B 302 22.63 3.75 7.59
N SER B 303 22.04 3.99 6.40
CA SER B 303 22.68 5.02 5.61
C SER B 303 22.07 6.39 5.92
N PRO B 304 22.88 7.46 5.91
CA PRO B 304 22.32 8.79 6.11
C PRO B 304 21.33 9.13 5.00
N VAL B 305 20.24 9.79 5.38
CA VAL B 305 19.21 10.24 4.45
C VAL B 305 19.20 11.76 4.44
N PHE B 306 18.99 12.33 3.26
CA PHE B 306 19.00 13.78 3.09
C PHE B 306 17.74 14.24 2.36
N GLY B 307 17.34 15.47 2.64
CA GLY B 307 16.21 16.08 1.98
C GLY B 307 16.33 17.59 2.01
N THR B 308 16.21 18.23 0.84
CA THR B 308 16.28 19.68 0.74
C THR B 308 14.95 20.21 0.21
N PHE B 309 14.58 21.41 0.68
CA PHE B 309 13.29 21.98 0.36
C PHE B 309 13.42 23.48 0.16
N GLU B 310 12.67 24.00 -0.81
CA GLU B 310 12.42 25.43 -0.90
C GLU B 310 11.11 25.72 -0.18
N VAL B 311 11.16 26.63 0.80
CA VAL B 311 10.04 26.87 1.70
C VAL B 311 9.64 28.34 1.61
N GLY B 312 8.34 28.58 1.54
CA GLY B 312 7.84 29.95 1.50
C GLY B 312 7.93 30.60 2.87
N VAL B 313 8.40 31.85 2.86
CA VAL B 313 8.58 32.59 4.10
C VAL B 313 8.18 34.05 3.89
N THR B 314 6.91 34.36 4.14
CA THR B 314 6.45 35.74 4.04
C THR B 314 7.07 36.57 5.16
N SER B 315 7.78 37.62 4.79
CA SER B 315 8.42 38.50 5.76
C SER B 315 7.38 39.38 6.46
#